data_4N4W
#
_entry.id   4N4W
#
_cell.length_a   84.640
_cell.length_b   110.880
_cell.length_c   145.210
_cell.angle_alpha   90.00
_cell.angle_beta   90.00
_cell.angle_gamma   90.00
#
_symmetry.space_group_name_H-M   'C 2 2 21'
#
loop_
_entity.id
_entity.type
_entity.pdbx_description
1 polymer 'Cytochrome b(562),Smoothened homolog'
2 branched alpha-D-mannopyranose-(1-3)-beta-D-mannopyranose-(1-4)-2-acetamido-2-deoxy-beta-D-glucopyranose-(1-4)-2-acetamido-2-deoxy-beta-D-glucopyranose
3 non-polymer (E)-N-(4-benzylpiperazin-1-yl)-1-(3,5-dimethyl-1-phenyl-1H-pyrazol-4-yl)methanimine
4 non-polymer 'ZINC ION'
5 non-polymer '(2R)-2,3-dihydroxypropyl (9Z)-octadec-9-enoate'
6 non-polymer DI(HYDROXYETHYL)ETHER
7 non-polymer 'TETRAETHYLENE GLYCOL'
8 water water
#
_entity_poly.entity_id   1
_entity_poly.type   'polypeptide(L)'
_entity_poly.pdbx_seq_one_letter_code
;GGTADLEDNWETLNDNLKVIEKADNAAQVKDALTKMRAAALDAQKATPPKLEDKSPDSPEMKDFRHGFDILVGQIDDALK
LANEGKVKEAQAAAEQLKTTRNAYIQKYLSGQCEVPLVRTDNPKSWYEDVEGCGIQCQNPLFTEAEHQDMHSYIAAFGAV
TGLCTLFTLATFVADWRNSNRYPAVILFYVNACFFVGSIGWLAQFMDGARREIVCRADGTMRLGEPTSNETLSCVIIFVI
VYYALMAGVVWFVVLTYAWHTSFKALGTTYQPLSGKTSYFHLLTWSLPFVLTVAILAVAQVDGDSVSGICFVGYKNYRYR
AGFVLAPIGLVLIVGGYFLIRGVMTLFSIKSNHPGLLSEKAASKINETMLRLGIFGFLAFGFVLITFSCHFYDFFNQAEW
ERSFRDYVLCQANVTIGLPTKQPIPDCEIKNRPSLLVEKINLFAMFGTGIAMSTWVWTKATLLIWRRTWCRLTGQ
;
_entity_poly.pdbx_strand_id   A
#
# COMPACT_ATOMS: atom_id res chain seq x y z
N GLY A 1 22.66 -12.47 -33.19
CA GLY A 1 23.62 -11.60 -33.86
C GLY A 1 24.96 -11.41 -33.16
N GLY A 2 25.99 -11.07 -33.94
CA GLY A 2 27.36 -10.85 -33.47
C GLY A 2 28.20 -12.12 -33.52
N THR A 3 29.15 -12.26 -32.55
CA THR A 3 30.05 -13.43 -32.43
C THR A 3 29.24 -14.65 -31.95
N ALA A 4 28.50 -14.48 -30.85
CA ALA A 4 27.63 -15.50 -30.27
C ALA A 4 26.16 -15.03 -30.28
N ASP A 5 25.22 -16.00 -30.34
CA ASP A 5 23.77 -15.77 -30.33
C ASP A 5 23.35 -15.09 -29.00
N LEU A 6 22.21 -14.38 -29.00
CA LEU A 6 21.74 -13.63 -27.83
C LEU A 6 21.58 -14.54 -26.58
N GLU A 7 20.98 -15.72 -26.77
CA GLU A 7 20.71 -16.70 -25.72
C GLU A 7 22.02 -17.24 -25.12
N ASP A 8 23.05 -17.46 -25.99
CA ASP A 8 24.40 -17.91 -25.61
C ASP A 8 25.11 -16.93 -24.70
N ASN A 9 25.10 -15.63 -25.08
CA ASN A 9 25.76 -14.58 -24.29
C ASN A 9 25.00 -14.35 -22.99
N TRP A 10 23.66 -14.55 -23.00
CA TRP A 10 22.84 -14.39 -21.79
C TRP A 10 23.11 -15.54 -20.87
N GLU A 11 23.36 -16.75 -21.42
CA GLU A 11 23.71 -17.93 -20.62
C GLU A 11 25.13 -17.75 -20.03
N THR A 12 26.06 -17.13 -20.79
CA THR A 12 27.43 -16.81 -20.39
C THR A 12 27.41 -15.90 -19.16
N LEU A 13 26.59 -14.83 -19.22
CA LEU A 13 26.43 -13.86 -18.13
C LEU A 13 25.91 -14.54 -16.86
N ASN A 14 24.91 -15.43 -17.02
CA ASN A 14 24.28 -16.20 -15.97
C ASN A 14 25.27 -17.11 -15.29
N ASP A 15 26.06 -17.87 -16.07
CA ASP A 15 27.08 -18.79 -15.58
C ASP A 15 28.13 -18.04 -14.79
N ASN A 16 28.67 -16.95 -15.36
CA ASN A 16 29.68 -16.13 -14.69
C ASN A 16 29.09 -15.40 -13.47
N LEU A 17 27.76 -15.08 -13.47
CA LEU A 17 27.07 -14.42 -12.34
C LEU A 17 27.05 -15.34 -11.11
N LYS A 18 26.89 -16.65 -11.37
CA LYS A 18 26.87 -17.71 -10.39
C LYS A 18 28.31 -18.03 -9.95
N VAL A 19 29.31 -17.86 -10.86
CA VAL A 19 30.69 -18.15 -10.47
C VAL A 19 31.20 -17.05 -9.52
N ILE A 20 30.73 -15.78 -9.67
CA ILE A 20 31.12 -14.68 -8.77
C ILE A 20 30.58 -14.98 -7.35
N GLU A 21 29.31 -15.44 -7.28
CA GLU A 21 28.56 -15.82 -6.09
C GLU A 21 29.29 -16.94 -5.31
N LYS A 22 29.90 -17.89 -6.03
CA LYS A 22 30.61 -19.02 -5.44
C LYS A 22 32.15 -18.86 -5.54
N ALA A 23 32.64 -17.65 -5.93
CA ALA A 23 34.07 -17.34 -6.08
C ALA A 23 34.82 -17.24 -4.75
N ASP A 24 36.13 -17.48 -4.81
CA ASP A 24 37.00 -17.42 -3.64
C ASP A 24 37.92 -16.18 -3.68
N ASN A 25 38.68 -15.97 -4.79
CA ASN A 25 39.58 -14.82 -4.92
C ASN A 25 39.08 -13.76 -5.95
N ALA A 26 39.74 -12.56 -5.95
CA ALA A 26 39.43 -11.44 -6.84
C ALA A 26 39.73 -11.77 -8.28
N ALA A 27 40.81 -12.55 -8.51
CA ALA A 27 41.25 -13.00 -9.83
C ALA A 27 40.14 -13.70 -10.59
N GLN A 28 39.34 -14.56 -9.91
CA GLN A 28 38.22 -15.27 -10.55
C GLN A 28 36.98 -14.39 -10.64
N VAL A 29 36.76 -13.47 -9.66
CA VAL A 29 35.66 -12.48 -9.70
C VAL A 29 35.93 -11.56 -10.93
N LYS A 30 37.11 -10.91 -10.98
CA LYS A 30 37.58 -10.03 -12.07
C LYS A 30 37.51 -10.76 -13.44
N ASP A 31 37.80 -12.08 -13.44
CA ASP A 31 37.78 -12.92 -14.64
C ASP A 31 36.36 -13.07 -15.16
N ALA A 32 35.39 -13.22 -14.25
CA ALA A 32 33.99 -13.38 -14.65
C ALA A 32 33.45 -12.07 -15.25
N LEU A 33 33.57 -10.95 -14.52
CA LEU A 33 33.11 -9.64 -14.94
C LEU A 33 33.70 -9.24 -16.33
N THR A 34 35.00 -9.48 -16.59
CA THR A 34 35.63 -9.12 -17.87
C THR A 34 35.13 -10.02 -19.04
N LYS A 35 34.67 -11.24 -18.72
CA LYS A 35 34.09 -12.17 -19.69
C LYS A 35 32.59 -11.86 -19.82
N MET A 36 32.00 -11.30 -18.75
CA MET A 36 30.60 -10.86 -18.71
C MET A 36 30.42 -9.61 -19.55
N ARG A 37 31.37 -8.66 -19.43
CA ARG A 37 31.39 -7.38 -20.17
C ARG A 37 31.50 -7.65 -21.65
N ALA A 38 32.41 -8.59 -22.04
CA ALA A 38 32.59 -9.01 -23.42
C ALA A 38 31.28 -9.59 -23.98
N ALA A 39 30.60 -10.43 -23.17
CA ALA A 39 29.33 -11.06 -23.51
C ALA A 39 28.25 -9.99 -23.69
N ALA A 40 28.02 -9.10 -22.68
CA ALA A 40 27.05 -8.00 -22.75
C ALA A 40 27.23 -7.17 -24.03
N LEU A 41 28.48 -6.78 -24.33
CA LEU A 41 28.81 -5.99 -25.54
C LEU A 41 28.53 -6.77 -26.81
N ASP A 42 28.78 -8.11 -26.80
CA ASP A 42 28.50 -8.93 -27.98
C ASP A 42 27.00 -9.16 -28.11
N ALA A 43 26.27 -9.37 -26.98
CA ALA A 43 24.83 -9.59 -26.96
C ALA A 43 24.10 -8.34 -27.44
N GLN A 44 24.68 -7.16 -27.15
CA GLN A 44 24.19 -5.85 -27.56
C GLN A 44 24.20 -5.72 -29.09
N LYS A 45 25.18 -6.38 -29.77
CA LYS A 45 25.32 -6.40 -31.25
C LYS A 45 24.27 -7.30 -31.91
N ALA A 46 23.57 -8.11 -31.10
CA ALA A 46 22.59 -9.07 -31.57
C ALA A 46 21.20 -8.48 -31.80
N THR A 47 20.34 -9.24 -32.48
CA THR A 47 18.95 -8.88 -32.70
C THR A 47 18.07 -9.96 -32.02
N PRO A 48 17.23 -9.59 -31.00
CA PRO A 48 16.38 -10.58 -30.31
C PRO A 48 15.40 -11.32 -31.24
N PRO A 49 15.10 -12.61 -30.92
CA PRO A 49 14.29 -13.44 -31.83
C PRO A 49 12.99 -12.86 -32.38
N LYS A 50 12.21 -12.08 -31.60
CA LYS A 50 10.96 -11.55 -32.12
C LYS A 50 11.10 -10.07 -32.56
N LEU A 51 12.34 -9.64 -32.85
CA LEU A 51 12.66 -8.26 -33.26
C LEU A 51 13.40 -8.22 -34.60
N GLU A 52 13.27 -9.29 -35.42
CA GLU A 52 13.85 -9.35 -36.78
C GLU A 52 13.11 -8.36 -37.70
N ASP A 53 11.77 -8.23 -37.48
CA ASP A 53 10.79 -7.38 -38.16
C ASP A 53 10.91 -5.90 -37.75
N LYS A 54 11.62 -5.60 -36.65
CA LYS A 54 11.78 -4.22 -36.17
C LYS A 54 13.01 -3.55 -36.78
N SER A 55 12.93 -2.21 -36.94
CA SER A 55 14.01 -1.37 -37.47
C SER A 55 15.21 -1.39 -36.49
N PRO A 56 16.47 -1.21 -36.97
CA PRO A 56 17.60 -1.22 -36.03
C PRO A 56 17.64 0.01 -35.11
N ASP A 57 17.01 1.13 -35.55
CA ASP A 57 16.90 2.40 -34.85
C ASP A 57 15.58 2.48 -34.06
N SER A 58 14.81 1.37 -34.02
CA SER A 58 13.52 1.31 -33.34
C SER A 58 13.68 1.43 -31.81
N PRO A 59 12.66 1.97 -31.11
CA PRO A 59 12.75 2.11 -29.64
C PRO A 59 12.99 0.80 -28.90
N GLU A 60 12.44 -0.32 -29.45
CA GLU A 60 12.63 -1.70 -28.96
C GLU A 60 14.12 -2.09 -29.05
N MET A 61 14.74 -1.90 -30.25
CA MET A 61 16.15 -2.24 -30.47
C MET A 61 17.04 -1.36 -29.63
N LYS A 62 16.70 -0.07 -29.51
CA LYS A 62 17.44 0.91 -28.72
C LYS A 62 17.35 0.55 -27.23
N ASP A 63 16.16 0.06 -26.75
CA ASP A 63 15.98 -0.33 -25.35
C ASP A 63 16.65 -1.66 -25.00
N PHE A 64 16.67 -2.60 -25.99
CA PHE A 64 17.29 -3.92 -25.83
C PHE A 64 18.79 -3.67 -25.64
N ARG A 65 19.33 -2.79 -26.50
CA ARG A 65 20.73 -2.40 -26.50
C ARG A 65 21.04 -1.69 -25.21
N HIS A 66 20.10 -0.84 -24.72
CA HIS A 66 20.28 -0.06 -23.49
C HIS A 66 20.43 -0.93 -22.26
N GLY A 67 19.82 -2.10 -22.26
CA GLY A 67 19.91 -3.03 -21.13
C GLY A 67 21.35 -3.40 -20.86
N PHE A 68 22.13 -3.49 -21.94
CA PHE A 68 23.53 -3.85 -21.87
C PHE A 68 24.35 -2.64 -21.50
N ASP A 69 23.81 -1.41 -21.67
CA ASP A 69 24.51 -0.20 -21.26
C ASP A 69 24.47 -0.14 -19.77
N ILE A 70 23.30 -0.48 -19.18
CA ILE A 70 23.02 -0.55 -17.75
C ILE A 70 23.90 -1.66 -17.11
N LEU A 71 23.89 -2.83 -17.74
CA LEU A 71 24.64 -4.00 -17.31
C LEU A 71 26.15 -3.74 -17.31
N VAL A 72 26.71 -3.11 -18.36
CA VAL A 72 28.16 -2.85 -18.46
C VAL A 72 28.60 -1.85 -17.40
N GLY A 73 27.79 -0.83 -17.15
CA GLY A 73 28.05 0.17 -16.12
C GLY A 73 28.10 -0.49 -14.75
N GLN A 74 27.11 -1.38 -14.48
CA GLN A 74 27.01 -2.18 -13.25
C GLN A 74 28.20 -3.15 -13.12
N ILE A 75 28.58 -3.83 -14.25
CA ILE A 75 29.74 -4.72 -14.35
C ILE A 75 30.99 -3.92 -13.96
N ASP A 76 31.16 -2.70 -14.53
CA ASP A 76 32.29 -1.80 -14.25
C ASP A 76 32.36 -1.37 -12.80
N ASP A 77 31.19 -1.14 -12.15
CA ASP A 77 31.14 -0.74 -10.73
C ASP A 77 31.60 -1.89 -9.84
N ALA A 78 31.33 -3.12 -10.29
CA ALA A 78 31.74 -4.33 -9.60
C ALA A 78 33.19 -4.63 -9.96
N LEU A 79 33.58 -4.34 -11.23
CA LEU A 79 34.92 -4.53 -11.78
C LEU A 79 35.90 -3.56 -11.11
N LYS A 80 35.45 -2.32 -10.79
CA LYS A 80 36.24 -1.31 -10.09
C LYS A 80 36.62 -1.87 -8.69
N LEU A 81 35.60 -2.38 -7.96
CA LEU A 81 35.68 -2.95 -6.61
C LEU A 81 36.50 -4.26 -6.57
N ALA A 82 36.37 -5.11 -7.61
CA ALA A 82 37.12 -6.37 -7.73
C ALA A 82 38.59 -6.08 -8.00
N ASN A 83 38.87 -4.97 -8.74
CA ASN A 83 40.24 -4.51 -9.06
C ASN A 83 40.86 -3.97 -7.78
N GLU A 84 40.01 -3.40 -6.90
CA GLU A 84 40.37 -2.86 -5.59
C GLU A 84 40.56 -3.99 -4.56
N GLY A 85 40.47 -5.25 -5.05
CA GLY A 85 40.62 -6.48 -4.28
C GLY A 85 39.49 -6.74 -3.31
N LYS A 86 38.54 -5.77 -3.23
CA LYS A 86 37.38 -5.77 -2.35
C LYS A 86 36.33 -6.78 -2.85
N VAL A 87 36.71 -8.09 -2.80
CA VAL A 87 35.93 -9.27 -3.20
C VAL A 87 34.51 -9.18 -2.63
N LYS A 88 34.39 -9.07 -1.30
CA LYS A 88 33.18 -8.98 -0.49
C LYS A 88 32.12 -8.09 -1.18
N GLU A 89 32.44 -6.79 -1.35
CA GLU A 89 31.52 -5.80 -1.91
C GLU A 89 31.44 -5.88 -3.43
N ALA A 90 32.40 -6.55 -4.10
CA ALA A 90 32.36 -6.74 -5.56
C ALA A 90 31.25 -7.76 -5.87
N GLN A 91 31.13 -8.81 -5.04
CA GLN A 91 30.07 -9.83 -5.08
C GLN A 91 28.70 -9.21 -4.73
N ALA A 92 28.71 -8.10 -3.94
CA ALA A 92 27.49 -7.36 -3.58
C ALA A 92 27.02 -6.47 -4.76
N ALA A 93 27.99 -5.91 -5.53
CA ALA A 93 27.74 -5.06 -6.69
C ALA A 93 27.27 -5.92 -7.83
N ALA A 94 27.83 -7.15 -7.93
CA ALA A 94 27.49 -8.18 -8.92
C ALA A 94 26.08 -8.68 -8.71
N GLU A 95 25.61 -8.62 -7.45
CA GLU A 95 24.27 -9.01 -7.05
C GLU A 95 23.23 -8.00 -7.62
N GLN A 96 23.68 -6.80 -8.01
CA GLN A 96 22.83 -5.75 -8.61
C GLN A 96 22.47 -6.09 -10.05
N LEU A 97 23.38 -6.77 -10.77
CA LEU A 97 23.22 -7.19 -12.17
C LEU A 97 22.05 -8.18 -12.36
N LYS A 98 21.68 -8.93 -11.31
CA LYS A 98 20.54 -9.87 -11.26
C LYS A 98 19.22 -9.15 -11.56
N THR A 99 19.09 -7.88 -11.15
CA THR A 99 17.89 -7.08 -11.38
C THR A 99 17.74 -6.80 -12.90
N THR A 100 18.80 -6.28 -13.54
CA THR A 100 18.85 -5.96 -14.96
C THR A 100 18.67 -7.23 -15.77
N ARG A 101 19.42 -8.29 -15.42
CA ARG A 101 19.37 -9.61 -16.05
C ARG A 101 17.93 -10.14 -16.06
N ASN A 102 17.28 -10.17 -14.89
CA ASN A 102 15.91 -10.69 -14.81
C ASN A 102 14.94 -9.87 -15.66
N ALA A 103 15.08 -8.53 -15.71
CA ALA A 103 14.16 -7.68 -16.47
C ALA A 103 14.36 -7.79 -17.98
N TYR A 104 15.59 -7.70 -18.47
CA TYR A 104 15.85 -7.74 -19.90
C TYR A 104 15.72 -9.14 -20.50
N ILE A 105 16.11 -10.22 -19.78
CA ILE A 105 15.89 -11.60 -20.28
C ILE A 105 14.35 -11.80 -20.49
N GLN A 106 13.55 -11.32 -19.55
CA GLN A 106 12.09 -11.40 -19.55
C GLN A 106 11.48 -10.66 -20.76
N LYS A 107 11.95 -9.43 -21.01
CA LYS A 107 11.47 -8.52 -22.03
C LYS A 107 11.76 -9.00 -23.48
N TYR A 108 13.03 -9.40 -23.76
CA TYR A 108 13.55 -9.72 -25.10
C TYR A 108 13.71 -11.23 -25.39
N LEU A 109 13.92 -12.07 -24.36
CA LEU A 109 13.96 -13.52 -24.55
C LEU A 109 12.72 -14.12 -23.88
N SER A 110 11.56 -13.50 -24.18
CA SER A 110 10.20 -13.82 -23.71
C SER A 110 9.75 -15.26 -23.96
N GLY A 111 10.16 -15.84 -25.09
CA GLY A 111 9.79 -17.18 -25.53
C GLY A 111 8.33 -17.26 -25.92
N GLN A 112 7.66 -18.32 -25.47
CA GLN A 112 6.25 -18.59 -25.65
C GLN A 112 5.35 -17.53 -24.95
N CYS A 113 5.93 -16.72 -24.03
CA CYS A 113 5.25 -15.68 -23.28
C CYS A 113 5.07 -14.42 -24.09
N GLU A 114 3.84 -13.95 -24.12
CA GLU A 114 3.41 -12.75 -24.81
C GLU A 114 2.65 -11.89 -23.79
N VAL A 115 2.88 -10.57 -23.83
CA VAL A 115 2.34 -9.57 -22.89
C VAL A 115 0.81 -9.77 -22.77
N PRO A 116 0.18 -9.72 -21.56
CA PRO A 116 0.72 -9.37 -20.23
C PRO A 116 1.39 -10.52 -19.47
N LEU A 117 1.54 -11.68 -20.09
CA LEU A 117 2.23 -12.79 -19.43
C LEU A 117 3.72 -12.59 -19.67
N VAL A 118 4.53 -12.86 -18.65
CA VAL A 118 5.99 -12.67 -18.71
C VAL A 118 6.71 -13.96 -18.39
N ARG A 119 7.90 -14.15 -18.98
N ARG A 119 7.90 -14.17 -19.00
CA ARG A 119 8.76 -15.32 -18.80
CA ARG A 119 8.71 -15.38 -18.79
C ARG A 119 9.22 -15.44 -17.32
C ARG A 119 9.20 -15.46 -17.33
N THR A 120 8.90 -16.59 -16.65
CA THR A 120 9.28 -16.86 -15.23
C THR A 120 9.47 -18.38 -14.98
N ASP A 121 10.58 -18.75 -14.31
CA ASP A 121 10.87 -20.15 -14.01
C ASP A 121 10.17 -20.64 -12.73
N ASN A 122 9.66 -19.70 -11.86
CA ASN A 122 8.94 -19.99 -10.61
C ASN A 122 7.58 -20.61 -10.93
N PRO A 123 7.33 -21.91 -10.63
CA PRO A 123 6.04 -22.53 -11.02
C PRO A 123 4.84 -22.01 -10.23
N LYS A 124 5.08 -21.37 -9.08
CA LYS A 124 4.01 -20.82 -8.27
C LYS A 124 3.51 -19.50 -8.90
N SER A 125 4.33 -18.91 -9.80
CA SER A 125 4.03 -17.66 -10.50
C SER A 125 3.28 -17.89 -11.82
N TRP A 126 3.30 -19.16 -12.34
CA TRP A 126 2.68 -19.54 -13.62
C TRP A 126 1.16 -19.38 -13.59
N TYR A 127 0.63 -18.79 -14.66
CA TYR A 127 -0.78 -18.48 -14.91
C TYR A 127 -1.47 -19.62 -15.65
N GLU A 128 -2.61 -20.09 -15.09
CA GLU A 128 -3.49 -21.17 -15.60
C GLU A 128 -2.69 -22.43 -16.04
N ASP A 129 -2.91 -22.90 -17.27
CA ASP A 129 -2.25 -24.07 -17.84
C ASP A 129 -0.95 -23.67 -18.54
N VAL A 130 -0.73 -22.33 -18.71
CA VAL A 130 0.46 -21.78 -19.37
C VAL A 130 1.68 -22.10 -18.52
N GLU A 131 2.55 -22.89 -19.11
CA GLU A 131 3.79 -23.40 -18.54
C GLU A 131 4.92 -22.39 -18.80
N GLY A 132 5.43 -21.83 -17.72
CA GLY A 132 6.55 -20.90 -17.80
C GLY A 132 6.24 -19.43 -17.95
N CYS A 133 4.95 -19.05 -18.02
CA CYS A 133 4.57 -17.63 -18.10
C CYS A 133 3.78 -17.23 -16.87
N GLY A 134 4.06 -16.03 -16.38
CA GLY A 134 3.35 -15.44 -15.25
C GLY A 134 2.74 -14.10 -15.61
N ILE A 135 1.72 -13.68 -14.86
CA ILE A 135 1.08 -12.38 -15.11
C ILE A 135 2.04 -11.27 -14.64
N GLN A 136 2.43 -10.35 -15.54
CA GLN A 136 3.34 -9.22 -15.26
C GLN A 136 2.95 -8.46 -14.00
N CYS A 137 3.94 -7.87 -13.32
CA CYS A 137 3.69 -7.12 -12.08
C CYS A 137 2.75 -5.94 -12.32
N GLN A 138 3.09 -5.06 -13.27
CA GLN A 138 2.32 -3.85 -13.60
C GLN A 138 0.94 -4.20 -14.15
N ASN A 139 -0.12 -3.80 -13.44
CA ASN A 139 -1.54 -4.05 -13.75
C ASN A 139 -1.81 -3.82 -15.23
N PRO A 140 -2.01 -4.89 -16.03
CA PRO A 140 -2.17 -4.71 -17.48
C PRO A 140 -3.51 -4.10 -17.92
N LEU A 141 -4.38 -3.73 -16.97
CA LEU A 141 -5.68 -3.11 -17.27
C LEU A 141 -5.61 -1.60 -17.20
N PHE A 142 -4.47 -1.06 -16.73
CA PHE A 142 -4.34 0.38 -16.58
C PHE A 142 -3.05 0.94 -17.21
N THR A 143 -3.20 2.06 -17.92
CA THR A 143 -2.11 2.72 -18.66
C THR A 143 -1.14 3.39 -17.69
N GLU A 144 0.07 3.69 -18.19
CA GLU A 144 1.18 4.33 -17.49
C GLU A 144 0.81 5.75 -17.06
N ALA A 145 -0.12 6.38 -17.79
CA ALA A 145 -0.63 7.73 -17.53
C ALA A 145 -1.59 7.73 -16.34
N GLU A 146 -2.36 6.64 -16.20
CA GLU A 146 -3.36 6.39 -15.16
C GLU A 146 -2.71 5.88 -13.86
N HIS A 147 -1.63 5.06 -13.99
CA HIS A 147 -0.83 4.59 -12.87
C HIS A 147 -0.24 5.82 -12.22
N GLN A 148 0.49 6.64 -13.03
CA GLN A 148 1.11 7.89 -12.62
C GLN A 148 0.09 8.90 -12.06
N ASP A 149 -1.18 8.84 -12.52
CA ASP A 149 -2.27 9.69 -12.05
C ASP A 149 -2.69 9.26 -10.62
N MET A 150 -2.84 7.94 -10.41
CA MET A 150 -3.19 7.42 -9.08
C MET A 150 -2.10 7.70 -8.07
N HIS A 151 -0.84 7.53 -8.49
CA HIS A 151 0.32 7.73 -7.62
C HIS A 151 0.33 9.18 -7.11
N SER A 152 0.12 10.15 -8.02
CA SER A 152 0.02 11.59 -7.68
C SER A 152 -1.09 11.87 -6.65
N TYR A 153 -2.31 11.33 -6.90
CA TYR A 153 -3.50 11.46 -6.08
C TYR A 153 -3.25 10.93 -4.68
N ILE A 154 -2.70 9.71 -4.58
CA ILE A 154 -2.33 9.08 -3.32
C ILE A 154 -1.21 9.86 -2.63
N ALA A 155 -0.16 10.32 -3.35
CA ALA A 155 0.93 11.12 -2.76
C ALA A 155 0.40 12.41 -2.15
N ALA A 156 -0.39 13.18 -2.91
CA ALA A 156 -0.96 14.44 -2.44
C ALA A 156 -1.83 14.20 -1.18
N PHE A 157 -2.81 13.27 -1.27
CA PHE A 157 -3.73 12.95 -0.19
C PHE A 157 -3.05 12.27 0.99
N GLY A 158 -2.11 11.35 0.73
CA GLY A 158 -1.35 10.64 1.75
C GLY A 158 -0.51 11.60 2.58
N ALA A 159 0.15 12.56 1.90
CA ALA A 159 1.01 13.56 2.53
C ALA A 159 0.19 14.54 3.37
N VAL A 160 -1.02 14.92 2.91
CA VAL A 160 -1.90 15.85 3.65
C VAL A 160 -2.34 15.14 4.94
N THR A 161 -3.02 13.97 4.82
CA THR A 161 -3.48 13.14 5.94
C THR A 161 -2.31 12.91 6.90
N GLY A 162 -1.16 12.48 6.35
CA GLY A 162 0.07 12.27 7.09
C GLY A 162 0.47 13.43 7.97
N LEU A 163 0.60 14.64 7.39
CA LEU A 163 1.01 15.83 8.15
C LEU A 163 -0.07 16.37 9.09
N CYS A 164 -1.35 16.27 8.71
CA CYS A 164 -2.50 16.73 9.51
C CYS A 164 -2.66 15.92 10.77
N THR A 165 -2.57 14.59 10.64
CA THR A 165 -2.71 13.64 11.74
C THR A 165 -1.41 13.63 12.57
N LEU A 166 -0.25 13.95 11.95
CA LEU A 166 1.02 14.03 12.68
C LEU A 166 1.00 15.20 13.62
N PHE A 167 0.52 16.37 13.15
CA PHE A 167 0.40 17.60 13.93
C PHE A 167 -0.54 17.39 15.12
N THR A 168 -1.69 16.70 14.90
CA THR A 168 -2.70 16.47 15.92
C THR A 168 -2.11 15.57 17.02
N LEU A 169 -1.28 14.57 16.66
CA LEU A 169 -0.60 13.73 17.65
C LEU A 169 0.37 14.60 18.49
N ALA A 170 1.15 15.45 17.78
CA ALA A 170 2.13 16.36 18.37
C ALA A 170 1.45 17.33 19.34
N THR A 171 0.29 17.91 18.97
CA THR A 171 -0.48 18.85 19.78
C THR A 171 -0.97 18.18 21.06
N PHE A 172 -1.39 16.91 20.95
CA PHE A 172 -1.89 16.12 22.07
C PHE A 172 -0.78 15.82 23.07
N VAL A 173 0.36 15.24 22.60
CA VAL A 173 1.50 14.89 23.47
C VAL A 173 2.18 16.15 24.02
N ALA A 174 2.07 17.28 23.30
CA ALA A 174 2.63 18.57 23.76
C ALA A 174 1.88 19.09 24.99
N ASP A 175 0.70 18.52 25.27
CA ASP A 175 -0.17 18.88 26.38
C ASP A 175 -0.82 17.60 26.95
N TRP A 176 -0.05 16.48 27.01
CA TRP A 176 -0.53 15.16 27.46
C TRP A 176 -1.11 15.13 28.88
N ARG A 177 -0.52 15.83 29.86
CA ARG A 177 -1.09 15.80 31.20
C ARG A 177 -2.53 16.29 31.17
N ASN A 178 -2.81 17.33 30.34
CA ASN A 178 -4.12 17.95 30.18
C ASN A 178 -5.04 17.24 29.21
N SER A 179 -4.53 16.91 28.00
CA SER A 179 -5.30 16.34 26.90
C SER A 179 -5.58 14.85 27.01
N ASN A 180 -4.86 14.08 27.85
CA ASN A 180 -5.15 12.64 27.98
C ASN A 180 -6.39 12.41 28.86
N ARG A 181 -7.56 12.86 28.36
CA ARG A 181 -8.85 12.78 29.02
C ARG A 181 -9.89 12.30 28.05
N TYR A 182 -10.87 11.51 28.52
CA TYR A 182 -11.95 11.03 27.66
C TYR A 182 -13.16 11.99 27.73
N PRO A 183 -13.90 12.19 26.63
CA PRO A 183 -13.79 11.49 25.34
C PRO A 183 -12.82 12.12 24.33
N ALA A 184 -12.13 13.23 24.66
CA ALA A 184 -11.23 13.93 23.74
C ALA A 184 -10.11 13.05 23.24
N VAL A 185 -9.35 12.38 24.15
CA VAL A 185 -8.21 11.54 23.79
C VAL A 185 -8.58 10.39 22.77
N ILE A 186 -9.87 10.09 22.54
CA ILE A 186 -10.31 9.10 21.52
C ILE A 186 -9.81 9.56 20.14
N LEU A 187 -9.89 10.89 19.88
CA LEU A 187 -9.49 11.51 18.62
C LEU A 187 -7.98 11.36 18.39
N PHE A 188 -7.18 11.37 19.47
CA PHE A 188 -5.74 11.13 19.42
C PHE A 188 -5.49 9.73 18.82
N TYR A 189 -6.13 8.68 19.40
CA TYR A 189 -5.98 7.30 18.92
C TYR A 189 -6.56 7.10 17.52
N VAL A 190 -7.62 7.86 17.16
CA VAL A 190 -8.19 7.83 15.80
C VAL A 190 -7.11 8.37 14.84
N ASN A 191 -6.49 9.52 15.20
CA ASN A 191 -5.43 10.19 14.42
C ASN A 191 -4.15 9.34 14.32
N ALA A 192 -3.81 8.56 15.39
CA ALA A 192 -2.64 7.66 15.43
C ALA A 192 -2.75 6.61 14.33
N CYS A 193 -3.98 6.07 14.18
CA CYS A 193 -4.36 5.06 13.21
C CYS A 193 -4.22 5.57 11.79
N PHE A 194 -4.81 6.74 11.46
CA PHE A 194 -4.72 7.37 10.12
C PHE A 194 -3.30 7.77 9.78
N PHE A 195 -2.52 8.22 10.78
CA PHE A 195 -1.12 8.51 10.56
C PHE A 195 -0.39 7.24 10.12
N VAL A 196 -0.53 6.13 10.91
CA VAL A 196 0.11 4.83 10.62
C VAL A 196 -0.37 4.32 9.23
N GLY A 197 -1.65 4.49 8.92
CA GLY A 197 -2.23 4.11 7.63
C GLY A 197 -1.60 4.88 6.49
N SER A 198 -1.41 6.20 6.65
CA SER A 198 -0.76 7.06 5.66
C SER A 198 0.67 6.58 5.34
N ILE A 199 1.46 6.19 6.37
CA ILE A 199 2.86 5.73 6.22
C ILE A 199 2.85 4.49 5.37
N GLY A 200 1.84 3.65 5.60
CA GLY A 200 1.64 2.44 4.81
C GLY A 200 1.33 2.73 3.36
N TRP A 201 0.52 3.79 3.09
CA TRP A 201 0.10 4.25 1.75
C TRP A 201 1.18 5.04 1.02
N LEU A 202 2.09 5.69 1.78
CA LEU A 202 3.18 6.48 1.21
C LEU A 202 4.47 5.69 1.05
N ALA A 203 4.53 4.44 1.56
CA ALA A 203 5.74 3.63 1.43
C ALA A 203 6.18 3.46 -0.03
N GLN A 204 5.21 3.33 -0.96
CA GLN A 204 5.43 3.12 -2.41
C GLN A 204 6.26 4.23 -3.08
N PHE A 205 6.31 5.43 -2.49
CA PHE A 205 7.00 6.58 -3.07
C PHE A 205 8.51 6.57 -2.75
N MET A 206 8.98 5.65 -1.90
CA MET A 206 10.40 5.52 -1.58
C MET A 206 11.08 4.80 -2.70
N ASP A 207 12.23 5.33 -3.17
CA ASP A 207 13.00 4.83 -4.31
C ASP A 207 12.88 3.30 -4.50
N GLY A 208 12.21 2.92 -5.59
CA GLY A 208 11.97 1.54 -5.97
C GLY A 208 11.17 0.64 -5.04
N ALA A 209 10.57 1.18 -3.93
CA ALA A 209 9.78 0.37 -2.99
C ALA A 209 8.50 -0.18 -3.61
N ARG A 210 7.76 0.61 -4.42
CA ARG A 210 6.50 0.16 -5.04
C ARG A 210 6.67 -1.21 -5.71
N ARG A 211 7.82 -1.47 -6.38
CA ARG A 211 8.07 -2.77 -7.00
C ARG A 211 8.33 -3.80 -5.93
N GLU A 212 9.13 -3.46 -4.92
CA GLU A 212 9.47 -4.37 -3.83
C GLU A 212 8.22 -4.85 -3.08
N ILE A 213 7.18 -4.00 -3.00
CA ILE A 213 5.92 -4.29 -2.29
C ILE A 213 4.96 -5.14 -3.14
N VAL A 214 4.76 -4.79 -4.41
CA VAL A 214 3.73 -5.30 -5.31
C VAL A 214 4.20 -6.40 -6.31
N CYS A 215 5.51 -6.53 -6.54
CA CYS A 215 6.05 -7.53 -7.46
C CYS A 215 6.74 -8.63 -6.73
N ARG A 216 6.63 -9.83 -7.28
CA ARG A 216 7.38 -11.03 -6.88
C ARG A 216 8.82 -10.83 -7.36
N ALA A 217 9.77 -11.66 -6.88
CA ALA A 217 11.17 -11.59 -7.28
C ALA A 217 11.35 -11.75 -8.81
N ASP A 218 10.43 -12.50 -9.44
CA ASP A 218 10.42 -12.84 -10.87
C ASP A 218 9.67 -11.80 -11.76
N GLY A 219 9.27 -10.67 -11.20
CA GLY A 219 8.60 -9.63 -11.97
C GLY A 219 7.12 -9.86 -12.20
N THR A 220 6.57 -10.90 -11.58
CA THR A 220 5.14 -11.21 -11.65
C THR A 220 4.49 -10.51 -10.46
N MET A 221 3.17 -10.37 -10.47
CA MET A 221 2.60 -9.66 -9.36
C MET A 221 2.39 -10.55 -8.13
N ARG A 222 2.38 -9.89 -6.98
CA ARG A 222 2.18 -10.47 -5.66
C ARG A 222 0.78 -11.02 -5.56
N LEU A 223 0.70 -12.31 -5.18
CA LEU A 223 -0.55 -13.06 -5.07
C LEU A 223 -0.42 -14.09 -4.00
N GLY A 224 -1.53 -14.31 -3.28
CA GLY A 224 -1.63 -15.29 -2.20
C GLY A 224 -0.49 -15.22 -1.20
N GLU A 225 -0.07 -14.01 -0.89
CA GLU A 225 0.96 -13.73 0.08
C GLU A 225 0.29 -13.94 1.49
N PRO A 226 0.94 -14.53 2.53
CA PRO A 226 2.37 -14.91 2.63
C PRO A 226 2.68 -16.20 1.88
N THR A 227 3.78 -16.16 1.12
CA THR A 227 4.24 -17.28 0.30
C THR A 227 5.79 -17.40 0.37
N SER A 228 6.30 -18.63 0.22
CA SER A 228 7.71 -18.99 0.32
C SER A 228 8.61 -18.18 -0.62
N ASN A 229 9.90 -18.00 -0.21
CA ASN A 229 11.03 -17.33 -0.89
C ASN A 229 10.87 -15.80 -1.04
N GLU A 230 9.63 -15.30 -1.20
CA GLU A 230 9.32 -13.88 -1.38
C GLU A 230 9.68 -13.08 -0.15
N THR A 231 9.85 -11.76 -0.29
CA THR A 231 10.18 -10.90 0.85
C THR A 231 8.91 -10.62 1.70
N LEU A 232 9.11 -10.08 2.91
CA LEU A 232 8.02 -9.75 3.81
C LEU A 232 7.35 -8.44 3.42
N SER A 233 8.04 -7.61 2.62
CA SER A 233 7.61 -6.27 2.14
C SER A 233 6.11 -6.19 1.85
N CYS A 234 5.55 -7.12 1.05
CA CYS A 234 4.13 -7.14 0.73
C CYS A 234 3.28 -7.19 2.01
N VAL A 235 3.49 -8.23 2.84
CA VAL A 235 2.73 -8.44 4.08
C VAL A 235 2.94 -7.29 5.10
N ILE A 236 4.16 -6.67 5.17
CA ILE A 236 4.41 -5.55 6.10
C ILE A 236 3.51 -4.40 5.69
N ILE A 237 3.43 -4.09 4.38
CA ILE A 237 2.60 -2.99 3.91
C ILE A 237 1.15 -3.33 4.16
N PHE A 238 0.76 -4.58 3.91
CA PHE A 238 -0.61 -5.00 4.20
C PHE A 238 -0.95 -4.77 5.71
N VAL A 239 -0.18 -5.40 6.63
CA VAL A 239 -0.36 -5.29 8.08
C VAL A 239 -0.44 -3.79 8.51
N ILE A 240 0.59 -2.96 8.19
CA ILE A 240 0.58 -1.52 8.49
C ILE A 240 -0.75 -0.92 8.06
N VAL A 241 -1.10 -1.01 6.77
CA VAL A 241 -2.31 -0.42 6.19
C VAL A 241 -3.59 -0.99 6.82
N TYR A 242 -3.83 -2.33 6.74
CA TYR A 242 -5.07 -2.96 7.20
C TYR A 242 -5.29 -2.83 8.70
N TYR A 243 -4.27 -3.08 9.52
CA TYR A 243 -4.46 -2.97 10.97
C TYR A 243 -4.79 -1.53 11.33
N ALA A 244 -3.96 -0.56 10.85
CA ALA A 244 -4.14 0.86 11.16
C ALA A 244 -5.53 1.38 10.79
N LEU A 245 -6.07 1.03 9.61
CA LEU A 245 -7.39 1.51 9.18
C LEU A 245 -8.54 0.76 9.87
N MET A 246 -8.34 -0.53 10.19
CA MET A 246 -9.36 -1.31 10.89
C MET A 246 -9.41 -0.90 12.37
N ALA A 247 -8.27 -0.54 12.98
CA ALA A 247 -8.22 -0.07 14.36
C ALA A 247 -8.91 1.29 14.48
N GLY A 248 -8.66 2.15 13.48
CA GLY A 248 -9.17 3.50 13.37
C GLY A 248 -10.68 3.54 13.22
N VAL A 249 -11.24 2.54 12.50
CA VAL A 249 -12.70 2.47 12.33
C VAL A 249 -13.34 1.92 13.62
N VAL A 250 -12.60 1.16 14.43
CA VAL A 250 -13.13 0.67 15.72
C VAL A 250 -13.17 1.86 16.70
N TRP A 251 -12.06 2.64 16.79
CA TRP A 251 -12.00 3.86 17.56
C TRP A 251 -13.12 4.81 17.15
N PHE A 252 -13.58 4.73 15.89
CA PHE A 252 -14.70 5.55 15.44
C PHE A 252 -15.97 5.12 16.17
N VAL A 253 -16.19 3.77 16.27
CA VAL A 253 -17.35 3.19 16.98
C VAL A 253 -17.26 3.63 18.44
N VAL A 254 -16.04 3.66 19.00
CA VAL A 254 -15.77 4.09 20.37
C VAL A 254 -16.20 5.56 20.52
N LEU A 255 -15.85 6.41 19.56
CA LEU A 255 -16.22 7.82 19.53
C LEU A 255 -17.75 7.96 19.62
N THR A 256 -18.49 7.30 18.71
CA THR A 256 -19.96 7.32 18.68
C THR A 256 -20.53 6.85 20.01
N TYR A 257 -19.94 5.77 20.59
CA TYR A 257 -20.33 5.22 21.88
C TYR A 257 -20.12 6.28 22.99
N ALA A 258 -18.90 6.88 23.04
CA ALA A 258 -18.50 7.93 23.98
C ALA A 258 -19.39 9.17 23.87
N TRP A 259 -19.75 9.60 22.67
CA TRP A 259 -20.66 10.72 22.47
C TRP A 259 -22.03 10.42 23.07
N HIS A 260 -22.53 9.20 22.83
CA HIS A 260 -23.83 8.78 23.34
C HIS A 260 -23.82 8.76 24.86
N THR A 261 -22.78 8.17 25.47
CA THR A 261 -22.71 8.04 26.92
C THR A 261 -22.30 9.32 27.63
N SER A 262 -21.54 10.22 26.97
CA SER A 262 -21.13 11.45 27.64
C SER A 262 -22.31 12.46 27.84
N PHE A 263 -23.50 12.11 27.33
CA PHE A 263 -24.75 12.84 27.52
C PHE A 263 -25.20 12.68 28.98
N LYS A 264 -24.75 11.58 29.63
CA LYS A 264 -25.03 11.22 31.02
C LYS A 264 -24.25 12.12 32.00
N ALA A 265 -23.29 12.95 31.52
CA ALA A 265 -22.60 13.91 32.38
C ALA A 265 -23.60 15.00 32.78
N LEU A 266 -24.51 15.41 31.83
CA LEU A 266 -25.58 16.41 32.02
C LEU A 266 -24.96 17.78 32.37
N GLY A 267 -23.89 18.12 31.66
CA GLY A 267 -23.14 19.36 31.91
C GLY A 267 -22.33 19.28 33.20
N THR A 268 -22.90 18.57 34.19
CA THR A 268 -22.41 18.20 35.52
C THR A 268 -21.00 17.57 35.37
N THR A 269 -20.20 17.60 36.45
CA THR A 269 -18.82 17.09 36.51
C THR A 269 -18.69 15.56 36.54
N TYR A 270 -19.81 14.81 36.41
CA TYR A 270 -19.76 13.35 36.38
C TYR A 270 -19.01 12.90 35.11
N GLN A 271 -18.22 11.83 35.26
CA GLN A 271 -17.44 11.22 34.21
C GLN A 271 -18.06 9.85 33.87
N PRO A 272 -19.03 9.86 32.90
CA PRO A 272 -19.73 8.62 32.54
C PRO A 272 -18.84 7.47 32.07
N LEU A 273 -17.73 7.80 31.38
CA LEU A 273 -16.77 6.86 30.81
C LEU A 273 -15.79 6.27 31.84
N SER A 274 -15.75 6.79 33.08
CA SER A 274 -14.80 6.36 34.10
C SER A 274 -14.84 4.85 34.35
N GLY A 275 -13.74 4.20 33.98
CA GLY A 275 -13.56 2.76 34.13
C GLY A 275 -13.80 1.98 32.85
N LYS A 276 -14.48 2.61 31.88
CA LYS A 276 -14.80 2.02 30.57
C LYS A 276 -13.62 2.06 29.60
N THR A 277 -12.62 2.94 29.86
CA THR A 277 -11.42 3.15 29.05
C THR A 277 -10.60 1.85 28.77
N SER A 278 -10.59 0.89 29.71
CA SER A 278 -9.85 -0.38 29.57
C SER A 278 -10.33 -1.20 28.34
N TYR A 279 -11.67 -1.37 28.18
CA TYR A 279 -12.32 -2.10 27.09
C TYR A 279 -12.08 -1.46 25.74
N PHE A 280 -11.99 -0.10 25.73
CA PHE A 280 -11.73 0.69 24.55
C PHE A 280 -10.42 0.28 23.88
N HIS A 281 -9.39 -0.05 24.65
CA HIS A 281 -8.10 -0.45 24.11
C HIS A 281 -8.08 -1.93 23.78
N LEU A 282 -8.85 -2.73 24.54
CA LEU A 282 -8.99 -4.17 24.35
C LEU A 282 -9.68 -4.45 23.02
N LEU A 283 -10.78 -3.74 22.71
CA LEU A 283 -11.56 -3.91 21.47
C LEU A 283 -10.86 -3.38 20.21
N THR A 284 -10.34 -2.13 20.26
CA THR A 284 -9.72 -1.44 19.12
C THR A 284 -8.39 -2.06 18.66
N TRP A 285 -7.66 -2.73 19.57
CA TRP A 285 -6.38 -3.33 19.19
C TRP A 285 -6.50 -4.84 19.00
N SER A 286 -7.42 -5.53 19.69
CA SER A 286 -7.56 -6.98 19.55
C SER A 286 -8.33 -7.37 18.33
N LEU A 287 -9.43 -6.66 18.03
CA LEU A 287 -10.32 -6.97 16.92
C LEU A 287 -9.59 -6.90 15.55
N PRO A 288 -8.86 -5.81 15.15
CA PRO A 288 -8.13 -5.85 13.86
C PRO A 288 -6.98 -6.85 13.83
N PHE A 289 -6.37 -7.13 15.00
CA PHE A 289 -5.27 -8.11 15.12
C PHE A 289 -5.76 -9.49 14.69
N VAL A 290 -6.88 -9.95 15.29
CA VAL A 290 -7.53 -11.23 15.01
C VAL A 290 -7.81 -11.34 13.50
N LEU A 291 -8.33 -10.26 12.87
CA LEU A 291 -8.62 -10.20 11.44
C LEU A 291 -7.34 -10.30 10.62
N THR A 292 -6.30 -9.48 10.93
CA THR A 292 -5.02 -9.49 10.23
C THR A 292 -4.41 -10.91 10.30
N VAL A 293 -4.31 -11.48 11.53
CA VAL A 293 -3.75 -12.82 11.75
C VAL A 293 -4.47 -13.87 10.84
N ALA A 294 -5.82 -13.77 10.73
CA ALA A 294 -6.66 -14.63 9.90
C ALA A 294 -6.39 -14.45 8.37
N ILE A 295 -6.06 -13.22 7.93
CA ILE A 295 -5.81 -12.95 6.51
C ILE A 295 -4.49 -13.62 6.11
N LEU A 296 -3.49 -13.50 6.99
CA LEU A 296 -2.19 -14.11 6.81
C LEU A 296 -2.35 -15.62 6.85
N ALA A 297 -3.31 -16.13 7.67
CA ALA A 297 -3.60 -17.56 7.73
C ALA A 297 -4.13 -18.07 6.38
N VAL A 298 -5.23 -17.47 5.84
CA VAL A 298 -5.84 -17.83 4.55
C VAL A 298 -4.92 -17.43 3.40
N ALA A 299 -3.89 -16.58 3.66
CA ALA A 299 -2.90 -16.10 2.66
C ALA A 299 -3.63 -15.50 1.45
N GLN A 300 -4.31 -14.35 1.66
CA GLN A 300 -5.09 -13.66 0.64
C GLN A 300 -4.63 -12.22 0.49
N VAL A 301 -3.33 -12.02 0.63
CA VAL A 301 -2.72 -10.71 0.44
C VAL A 301 -2.20 -10.70 -0.97
N ASP A 302 -2.73 -9.76 -1.76
CA ASP A 302 -2.34 -9.58 -3.14
C ASP A 302 -1.87 -8.12 -3.30
N GLY A 303 -0.97 -7.87 -4.25
CA GLY A 303 -0.48 -6.52 -4.51
C GLY A 303 -1.14 -5.89 -5.71
N ASP A 304 -1.05 -4.54 -5.81
CA ASP A 304 -1.57 -3.76 -6.94
C ASP A 304 -0.62 -2.60 -7.26
N SER A 305 -0.24 -2.47 -8.56
CA SER A 305 0.67 -1.45 -9.04
C SER A 305 0.00 -0.07 -9.08
N VAL A 306 -1.31 -0.03 -9.37
CA VAL A 306 -2.04 1.24 -9.44
C VAL A 306 -2.25 1.75 -7.98
N SER A 307 -2.69 0.88 -7.04
CA SER A 307 -2.83 1.26 -5.64
C SER A 307 -1.46 1.49 -4.96
N GLY A 308 -0.48 0.65 -5.30
CA GLY A 308 0.86 0.74 -4.72
C GLY A 308 1.03 0.04 -3.38
N ILE A 309 -0.06 -0.48 -2.82
CA ILE A 309 -0.01 -1.23 -1.56
C ILE A 309 -0.42 -2.72 -1.80
N CYS A 310 -0.29 -3.52 -0.73
CA CYS A 310 -0.73 -4.91 -0.67
C CYS A 310 -1.99 -4.91 0.19
N PHE A 311 -3.01 -5.66 -0.23
CA PHE A 311 -4.25 -5.70 0.52
C PHE A 311 -4.94 -7.05 0.41
N VAL A 312 -6.02 -7.20 1.17
CA VAL A 312 -6.86 -8.39 1.23
C VAL A 312 -7.99 -8.29 0.16
N GLY A 313 -8.15 -9.38 -0.58
CA GLY A 313 -9.20 -9.48 -1.58
C GLY A 313 -9.02 -8.71 -2.86
N TYR A 314 -7.77 -8.57 -3.29
CA TYR A 314 -7.50 -7.91 -4.54
C TYR A 314 -7.86 -8.88 -5.68
N LYS A 315 -7.41 -10.18 -5.57
CA LYS A 315 -7.70 -11.25 -6.54
C LYS A 315 -9.01 -12.02 -6.17
N ASN A 316 -9.31 -12.19 -4.86
CA ASN A 316 -10.53 -12.88 -4.45
C ASN A 316 -11.52 -11.93 -3.80
N TYR A 317 -12.49 -11.44 -4.58
CA TYR A 317 -13.53 -10.51 -4.11
C TYR A 317 -14.32 -11.08 -2.91
N ARG A 318 -14.36 -12.43 -2.79
CA ARG A 318 -15.01 -13.16 -1.70
C ARG A 318 -14.38 -12.77 -0.37
N TYR A 319 -13.02 -12.86 -0.28
CA TYR A 319 -12.28 -12.53 0.92
C TYR A 319 -12.36 -11.02 1.23
N ARG A 320 -12.56 -10.19 0.19
CA ARG A 320 -12.69 -8.75 0.33
C ARG A 320 -13.99 -8.41 1.04
N ALA A 321 -15.09 -9.16 0.76
CA ALA A 321 -16.38 -8.95 1.43
C ALA A 321 -16.31 -9.37 2.92
N GLY A 322 -15.70 -10.51 3.18
CA GLY A 322 -15.56 -11.05 4.52
C GLY A 322 -14.63 -10.29 5.45
N PHE A 323 -13.57 -9.63 4.91
CA PHE A 323 -12.56 -8.92 5.70
C PHE A 323 -12.54 -7.39 5.52
N VAL A 324 -13.36 -6.83 4.59
CA VAL A 324 -13.41 -5.38 4.40
C VAL A 324 -14.87 -4.93 4.49
N LEU A 325 -15.74 -5.40 3.58
CA LEU A 325 -17.17 -5.04 3.60
C LEU A 325 -17.87 -5.43 4.91
N ALA A 326 -17.63 -6.66 5.42
CA ALA A 326 -18.21 -7.14 6.67
C ALA A 326 -17.79 -6.26 7.90
N PRO A 327 -16.47 -6.02 8.19
CA PRO A 327 -16.14 -5.14 9.33
C PRO A 327 -16.66 -3.71 9.16
N ILE A 328 -16.44 -3.09 7.97
CA ILE A 328 -16.91 -1.71 7.70
C ILE A 328 -18.45 -1.68 7.82
N GLY A 329 -19.13 -2.74 7.37
CA GLY A 329 -20.58 -2.86 7.49
C GLY A 329 -21.04 -2.88 8.93
N LEU A 330 -20.40 -3.75 9.72
CA LEU A 330 -20.68 -3.91 11.15
C LEU A 330 -20.32 -2.62 11.94
N VAL A 331 -19.20 -1.90 11.57
CA VAL A 331 -18.84 -0.65 12.24
C VAL A 331 -19.92 0.43 11.96
N LEU A 332 -20.62 0.33 10.81
CA LEU A 332 -21.70 1.26 10.46
C LEU A 332 -22.96 0.95 11.28
N ILE A 333 -23.29 -0.34 11.54
CA ILE A 333 -24.50 -0.69 12.31
C ILE A 333 -24.31 -0.26 13.78
N VAL A 334 -23.18 -0.64 14.42
CA VAL A 334 -22.85 -0.32 15.83
C VAL A 334 -22.62 1.21 16.01
N GLY A 335 -21.76 1.80 15.18
CA GLY A 335 -21.50 3.25 15.18
C GLY A 335 -22.75 4.06 14.87
N GLY A 336 -23.58 3.53 13.96
CA GLY A 336 -24.84 4.13 13.58
C GLY A 336 -25.85 4.04 14.70
N TYR A 337 -25.82 2.93 15.48
CA TYR A 337 -26.71 2.71 16.63
C TYR A 337 -26.45 3.77 17.71
N PHE A 338 -25.16 3.99 18.06
CA PHE A 338 -24.79 4.95 19.09
C PHE A 338 -25.03 6.37 18.67
N LEU A 339 -25.03 6.68 17.35
CA LEU A 339 -25.30 8.05 16.93
C LEU A 339 -26.79 8.33 17.02
N ILE A 340 -27.62 7.33 16.66
CA ILE A 340 -29.07 7.42 16.80
C ILE A 340 -29.41 7.46 18.32
N ARG A 341 -28.68 6.69 19.15
CA ARG A 341 -28.89 6.71 20.60
C ARG A 341 -28.46 8.05 21.20
N GLY A 342 -27.48 8.70 20.56
CA GLY A 342 -26.98 9.99 20.96
C GLY A 342 -27.96 11.12 20.70
N VAL A 343 -28.51 11.18 19.47
CA VAL A 343 -29.50 12.21 19.07
C VAL A 343 -30.79 12.00 19.88
N MET A 344 -31.23 10.74 20.09
CA MET A 344 -32.42 10.41 20.91
C MET A 344 -32.29 11.02 22.31
N THR A 345 -31.10 10.89 22.93
CA THR A 345 -30.79 11.45 24.24
C THR A 345 -30.84 12.99 24.22
N LEU A 346 -30.22 13.63 23.20
CA LEU A 346 -30.16 15.08 23.03
C LEU A 346 -31.55 15.71 23.04
N PHE A 347 -32.51 15.12 22.30
CA PHE A 347 -33.89 15.62 22.25
C PHE A 347 -34.67 15.20 23.51
N SER A 348 -34.16 14.18 24.25
CA SER A 348 -34.76 13.77 25.52
C SER A 348 -34.34 14.76 26.60
N ILE A 349 -33.05 15.21 26.57
CA ILE A 349 -32.48 16.22 27.48
C ILE A 349 -33.15 17.57 27.15
N LYS A 350 -33.43 17.82 25.87
CA LYS A 350 -34.06 19.06 25.40
C LYS A 350 -35.47 19.19 25.94
N SER A 351 -36.20 18.06 26.05
CA SER A 351 -37.57 18.04 26.56
C SER A 351 -37.58 18.05 28.10
N ASN A 352 -36.85 17.11 28.76
CA ASN A 352 -36.77 16.95 30.22
C ASN A 352 -36.08 18.12 30.92
N HIS A 353 -35.08 18.73 30.26
CA HIS A 353 -34.29 19.83 30.81
C HIS A 353 -34.13 20.97 29.78
N PRO A 354 -35.20 21.70 29.37
CA PRO A 354 -35.01 22.80 28.41
C PRO A 354 -34.10 23.87 29.00
N GLY A 355 -33.07 24.22 28.24
CA GLY A 355 -32.08 25.20 28.67
C GLY A 355 -30.84 24.63 29.33
N LEU A 356 -30.68 23.28 29.35
CA LEU A 356 -29.50 22.66 29.94
C LEU A 356 -28.25 22.88 29.04
N LEU A 357 -28.46 23.13 27.72
CA LEU A 357 -27.38 23.47 26.79
C LEU A 357 -27.26 25.02 26.74
N SER A 358 -26.98 25.62 27.93
CA SER A 358 -26.82 27.06 28.18
C SER A 358 -25.35 27.41 28.38
N GLU A 359 -24.84 28.38 27.57
CA GLU A 359 -23.47 28.86 27.63
C GLU A 359 -23.26 29.77 28.86
N SER A 363 -20.45 24.95 26.36
CA SER A 363 -19.36 25.60 27.06
C SER A 363 -18.61 24.60 27.95
N LYS A 364 -17.26 24.55 27.79
CA LYS A 364 -16.29 23.70 28.50
C LYS A 364 -16.51 22.21 28.21
N ILE A 365 -17.60 21.66 28.75
CA ILE A 365 -18.03 20.26 28.66
C ILE A 365 -19.10 20.13 27.56
N ASN A 366 -20.08 21.08 27.52
CA ASN A 366 -21.17 21.09 26.54
C ASN A 366 -20.67 21.46 25.14
N GLU A 367 -19.50 22.14 25.04
CA GLU A 367 -18.88 22.58 23.78
C GLU A 367 -18.16 21.43 23.04
N THR A 368 -17.42 20.58 23.80
CA THR A 368 -16.68 19.43 23.24
C THR A 368 -17.64 18.29 22.91
N MET A 369 -18.85 18.34 23.50
CA MET A 369 -19.91 17.36 23.30
C MET A 369 -20.47 17.41 21.89
N LEU A 370 -20.81 18.62 21.40
N LEU A 370 -20.81 18.59 21.39
CA LEU A 370 -21.36 18.79 20.06
CA LEU A 370 -21.37 18.68 20.05
C LEU A 370 -20.25 18.67 19.00
C LEU A 370 -20.26 18.68 18.99
N ARG A 371 -19.00 19.03 19.36
CA ARG A 371 -17.85 18.96 18.46
C ARG A 371 -17.60 17.48 18.15
N LEU A 372 -17.80 16.62 19.18
CA LEU A 372 -17.68 15.16 19.15
C LEU A 372 -18.78 14.53 18.31
N GLY A 373 -20.02 15.01 18.46
CA GLY A 373 -21.17 14.54 17.69
C GLY A 373 -21.11 14.94 16.23
N ILE A 374 -20.39 16.04 15.94
CA ILE A 374 -20.20 16.49 14.56
C ILE A 374 -19.17 15.58 13.94
N PHE A 375 -18.11 15.25 14.71
CA PHE A 375 -17.02 14.38 14.27
C PHE A 375 -17.51 12.98 14.01
N GLY A 376 -18.36 12.45 14.90
CA GLY A 376 -19.00 11.13 14.79
C GLY A 376 -19.84 11.00 13.54
N PHE A 377 -20.68 12.02 13.25
CA PHE A 377 -21.51 12.06 12.05
C PHE A 377 -20.66 12.28 10.80
N LEU A 378 -19.68 13.22 10.86
CA LEU A 378 -18.76 13.51 9.74
C LEU A 378 -17.96 12.27 9.36
N ALA A 379 -17.40 11.51 10.34
CA ALA A 379 -16.65 10.27 10.11
C ALA A 379 -17.56 9.11 9.66
N PHE A 380 -18.82 9.05 10.13
CA PHE A 380 -19.78 8.02 9.71
C PHE A 380 -20.07 8.16 8.25
N GLY A 381 -20.21 9.41 7.81
CA GLY A 381 -20.47 9.75 6.41
C GLY A 381 -19.40 9.22 5.48
N PHE A 382 -18.12 9.36 5.89
CA PHE A 382 -16.97 8.91 5.11
C PHE A 382 -16.90 7.35 5.04
N VAL A 383 -17.17 6.66 6.17
CA VAL A 383 -17.20 5.21 6.30
C VAL A 383 -18.30 4.70 5.36
N LEU A 384 -19.42 5.46 5.28
CA LEU A 384 -20.54 5.17 4.39
C LEU A 384 -20.12 5.25 2.89
N ILE A 385 -19.24 6.21 2.52
CA ILE A 385 -18.76 6.31 1.14
C ILE A 385 -17.81 5.14 0.83
N THR A 386 -16.83 4.81 1.74
CA THR A 386 -15.90 3.69 1.52
C THR A 386 -16.66 2.37 1.40
N PHE A 387 -17.63 2.13 2.30
CA PHE A 387 -18.47 0.94 2.26
C PHE A 387 -19.11 0.76 0.85
N SER A 388 -19.66 1.86 0.29
CA SER A 388 -20.33 1.91 -1.01
C SER A 388 -19.36 1.61 -2.14
N CYS A 389 -18.16 2.22 -2.09
CA CYS A 389 -17.08 2.03 -3.06
C CYS A 389 -16.59 0.58 -3.04
N HIS A 390 -16.37 0.02 -1.83
CA HIS A 390 -15.95 -1.37 -1.65
C HIS A 390 -17.01 -2.33 -2.17
N PHE A 391 -18.30 -2.00 -1.94
CA PHE A 391 -19.43 -2.80 -2.40
C PHE A 391 -19.49 -2.81 -3.93
N TYR A 392 -19.35 -1.62 -4.58
CA TYR A 392 -19.34 -1.49 -6.03
C TYR A 392 -18.30 -2.46 -6.60
N ASP A 393 -17.07 -2.45 -6.03
CA ASP A 393 -15.97 -3.32 -6.41
C ASP A 393 -16.32 -4.79 -6.24
N PHE A 394 -16.85 -5.15 -5.06
CA PHE A 394 -17.24 -6.50 -4.72
C PHE A 394 -18.24 -7.08 -5.70
N PHE A 395 -19.39 -6.40 -5.90
CA PHE A 395 -20.46 -6.96 -6.75
C PHE A 395 -20.10 -6.93 -8.25
N ASN A 396 -19.02 -6.22 -8.65
CA ASN A 396 -18.61 -6.12 -10.05
C ASN A 396 -17.28 -6.78 -10.39
N GLN A 397 -16.48 -7.19 -9.38
CA GLN A 397 -15.14 -7.77 -9.62
C GLN A 397 -15.12 -9.06 -10.48
N ALA A 398 -16.17 -9.92 -10.39
CA ALA A 398 -16.29 -11.18 -11.14
C ALA A 398 -16.22 -10.98 -12.66
N GLU A 399 -16.89 -9.92 -13.19
CA GLU A 399 -16.89 -9.65 -14.63
C GLU A 399 -15.54 -9.04 -15.06
N TRP A 400 -15.00 -8.12 -14.23
CA TRP A 400 -13.70 -7.49 -14.44
C TRP A 400 -12.58 -8.55 -14.54
N GLU A 401 -12.73 -9.67 -13.77
CA GLU A 401 -11.81 -10.80 -13.72
C GLU A 401 -12.00 -11.68 -14.93
N ARG A 402 -13.23 -11.75 -15.44
CA ARG A 402 -13.55 -12.52 -16.65
C ARG A 402 -13.02 -11.75 -17.87
N SER A 403 -13.07 -10.40 -17.83
CA SER A 403 -12.58 -9.53 -18.90
C SER A 403 -11.04 -9.57 -18.99
N PHE A 404 -10.39 -9.73 -17.82
CA PHE A 404 -8.95 -9.85 -17.67
C PHE A 404 -8.49 -11.18 -18.22
N ARG A 405 -9.18 -12.30 -17.91
CA ARG A 405 -8.87 -13.63 -18.47
C ARG A 405 -8.99 -13.55 -20.01
N ASP A 406 -10.15 -13.08 -20.54
CA ASP A 406 -10.47 -12.94 -21.98
C ASP A 406 -9.45 -12.08 -22.73
N TYR A 407 -8.80 -11.10 -22.04
CA TYR A 407 -7.77 -10.25 -22.65
C TYR A 407 -6.42 -10.98 -22.64
N VAL A 408 -6.01 -11.49 -21.45
CA VAL A 408 -4.78 -12.25 -21.25
C VAL A 408 -4.73 -13.36 -22.30
N LEU A 409 -5.78 -14.21 -22.32
CA LEU A 409 -5.87 -15.33 -23.24
C LEU A 409 -5.89 -14.89 -24.71
N CYS A 410 -6.54 -13.76 -25.07
CA CYS A 410 -6.53 -13.27 -26.46
C CYS A 410 -5.12 -12.82 -26.87
N GLN A 411 -4.41 -12.09 -25.98
CA GLN A 411 -3.05 -11.57 -26.20
C GLN A 411 -2.06 -12.75 -26.19
N ALA A 412 -2.12 -13.59 -27.24
CA ALA A 412 -1.33 -14.80 -27.45
C ALA A 412 -1.92 -15.61 -28.60
N ASP A 426 -6.61 -6.51 -33.92
CA ASP A 426 -6.91 -5.84 -32.65
C ASP A 426 -7.21 -6.88 -31.55
N CYS A 427 -7.06 -6.48 -30.26
CA CYS A 427 -7.27 -7.31 -29.06
C CYS A 427 -7.37 -6.38 -27.83
N GLU A 428 -8.61 -6.05 -27.43
CA GLU A 428 -8.89 -5.08 -26.36
C GLU A 428 -9.67 -5.67 -25.17
N ILE A 429 -9.78 -4.86 -24.08
CA ILE A 429 -10.45 -5.18 -22.80
C ILE A 429 -11.87 -4.62 -22.79
N LYS A 430 -12.88 -5.46 -22.46
CA LYS A 430 -14.29 -5.06 -22.42
C LYS A 430 -14.52 -4.01 -21.31
N ASN A 431 -14.44 -4.44 -20.04
CA ASN A 431 -14.62 -3.58 -18.86
C ASN A 431 -13.46 -3.77 -17.90
N ARG A 432 -13.23 -2.80 -17.01
CA ARG A 432 -12.14 -2.86 -16.03
C ARG A 432 -12.56 -2.09 -14.75
N PRO A 433 -11.84 -2.11 -13.59
CA PRO A 433 -12.30 -1.33 -12.43
C PRO A 433 -12.32 0.19 -12.69
N SER A 434 -13.09 0.94 -11.86
CA SER A 434 -13.23 2.40 -11.93
C SER A 434 -12.26 3.08 -11.00
N LEU A 435 -11.38 3.88 -11.59
CA LEU A 435 -10.41 4.65 -10.84
C LEU A 435 -11.08 5.82 -10.16
N LEU A 436 -12.23 6.28 -10.71
CA LEU A 436 -13.00 7.36 -10.08
C LEU A 436 -13.54 6.85 -8.74
N VAL A 437 -14.18 5.65 -8.76
CA VAL A 437 -14.72 4.98 -7.57
C VAL A 437 -13.58 4.76 -6.55
N GLU A 438 -12.38 4.27 -6.99
CA GLU A 438 -11.25 4.09 -6.04
C GLU A 438 -10.74 5.44 -5.47
N LYS A 439 -10.68 6.53 -6.28
CA LYS A 439 -10.29 7.89 -5.86
C LYS A 439 -11.33 8.50 -4.93
N ILE A 440 -12.63 8.19 -5.18
CA ILE A 440 -13.73 8.66 -4.33
C ILE A 440 -13.57 7.99 -2.98
N ASN A 441 -13.29 6.67 -3.01
CA ASN A 441 -13.01 5.79 -1.88
C ASN A 441 -11.80 6.30 -1.07
N LEU A 442 -10.66 6.54 -1.78
CA LEU A 442 -9.42 7.05 -1.20
C LEU A 442 -9.67 8.40 -0.51
N PHE A 443 -10.40 9.32 -1.20
CA PHE A 443 -10.76 10.62 -0.66
C PHE A 443 -11.47 10.44 0.71
N ALA A 444 -12.49 9.56 0.80
CA ALA A 444 -13.23 9.32 2.03
C ALA A 444 -12.34 8.74 3.13
N MET A 445 -11.48 7.74 2.81
CA MET A 445 -10.53 7.09 3.74
C MET A 445 -9.43 8.06 4.21
N PHE A 446 -8.97 8.98 3.34
CA PHE A 446 -7.97 9.97 3.73
C PHE A 446 -8.67 11.11 4.44
N GLY A 447 -9.85 11.48 3.95
CA GLY A 447 -10.71 12.53 4.48
C GLY A 447 -11.17 12.28 5.91
N THR A 448 -11.34 11.00 6.31
CA THR A 448 -11.72 10.66 7.69
C THR A 448 -10.62 11.15 8.62
N GLY A 449 -9.36 10.96 8.23
CA GLY A 449 -8.20 11.42 9.00
C GLY A 449 -8.01 12.93 8.97
N ILE A 450 -8.21 13.55 7.77
CA ILE A 450 -8.07 15.01 7.62
C ILE A 450 -9.12 15.69 8.51
N ALA A 451 -10.40 15.31 8.35
CA ALA A 451 -11.51 15.84 9.13
C ALA A 451 -11.31 15.59 10.63
N MET A 452 -10.82 14.37 11.01
CA MET A 452 -10.55 13.96 12.40
C MET A 452 -9.42 14.70 13.03
N SER A 453 -8.41 15.11 12.24
CA SER A 453 -7.27 15.87 12.73
C SER A 453 -7.69 17.28 13.14
N THR A 454 -8.70 17.87 12.45
CA THR A 454 -9.20 19.24 12.69
C THR A 454 -9.93 19.35 14.04
N TRP A 455 -9.82 18.30 14.89
CA TRP A 455 -10.36 18.30 16.24
C TRP A 455 -9.57 19.28 17.11
N VAL A 456 -8.29 19.39 16.77
CA VAL A 456 -7.25 20.16 17.42
C VAL A 456 -7.14 21.58 16.78
N TRP A 457 -7.85 21.86 15.66
CA TRP A 457 -7.84 23.19 15.03
C TRP A 457 -8.69 24.18 15.84
N THR A 458 -8.33 24.34 17.12
CA THR A 458 -8.98 25.20 18.11
C THR A 458 -8.03 26.38 18.54
N LYS A 459 -8.61 27.44 19.15
CA LYS A 459 -7.87 28.60 19.66
C LYS A 459 -6.89 28.13 20.75
N ALA A 460 -7.31 27.13 21.56
CA ALA A 460 -6.56 26.46 22.62
C ALA A 460 -5.23 25.85 22.10
N THR A 461 -5.23 25.27 20.87
CA THR A 461 -4.04 24.66 20.24
C THR A 461 -2.94 25.71 20.05
N LEU A 462 -3.32 26.96 19.73
CA LEU A 462 -2.39 28.07 19.57
C LEU A 462 -1.68 28.34 20.91
N LEU A 463 -2.43 28.23 22.03
CA LEU A 463 -1.95 28.37 23.41
C LEU A 463 -0.91 27.29 23.72
N ILE A 464 -1.26 25.99 23.44
CA ILE A 464 -0.41 24.81 23.64
C ILE A 464 0.95 25.00 22.97
N TRP A 465 0.93 25.40 21.70
CA TRP A 465 2.14 25.58 20.90
C TRP A 465 2.88 26.86 21.26
N ARG A 466 2.19 27.85 21.86
CA ARG A 466 2.85 29.07 22.33
C ARG A 466 3.70 28.72 23.55
N ARG A 467 3.12 27.95 24.50
CA ARG A 467 3.77 27.46 25.72
C ARG A 467 4.86 26.44 25.40
N THR A 468 4.71 25.67 24.28
CA THR A 468 5.68 24.65 23.87
C THR A 468 6.98 25.33 23.39
N TRP A 469 6.88 26.40 22.58
CA TRP A 469 8.03 27.15 22.05
C TRP A 469 8.72 27.95 23.16
N CYS A 470 7.94 28.47 24.14
CA CYS A 470 8.44 29.21 25.30
C CYS A 470 9.35 28.31 26.13
N ARG A 471 8.95 27.01 26.25
CA ARG A 471 9.70 25.98 26.97
C ARG A 471 10.82 25.38 26.10
N LEU A 472 10.97 25.88 24.85
CA LEU A 472 12.00 25.45 23.92
C LEU A 472 12.96 26.62 23.60
N THR A 473 12.88 27.72 24.38
CA THR A 473 13.72 28.91 24.23
C THR A 473 15.12 28.64 24.77
#